data_2R5X
#
_entry.id   2R5X
#
_cell.length_a   79.158
_cell.length_b   92.319
_cell.length_c   33.843
_cell.angle_alpha   90.00
_cell.angle_beta   90.00
_cell.angle_gamma   90.00
#
_symmetry.space_group_name_H-M   'P 21 21 2'
#
loop_
_entity.id
_entity.type
_entity.pdbx_description
1 polymer 'Uncharacterized conserved protein'
2 water water
#
_entity_poly.entity_id   1
_entity_poly.type   'polypeptide(L)'
_entity_poly.pdbx_seq_one_letter_code
;MSLKFENTGLENQTVELSRLDDIMERLGFVRAAQWDYERVTYDRKYVVKEGTYYLRVQGYAIEGNVDSRYALIKLLTPIM
GKHYYPHGVEYGDDEHFPSSLVSQCQNVLAQVKSELEKIKEEGHHHHHH
;
_entity_poly.pdbx_strand_id   A,B
#
# COMPACT_ATOMS: atom_id res chain seq x y z
N SER A 2 5.25 8.09 -4.91
CA SER A 2 4.52 8.97 -3.93
CA SER A 2 4.48 8.96 -3.96
C SER A 2 4.01 8.22 -2.70
N LEU A 3 4.29 6.92 -2.66
CA LEU A 3 3.95 6.13 -1.48
C LEU A 3 5.05 6.34 -0.45
N LYS A 4 4.66 6.63 0.78
CA LYS A 4 5.62 6.81 1.86
C LYS A 4 5.42 5.71 2.89
N PHE A 5 6.45 5.44 3.68
CA PHE A 5 6.34 4.49 4.77
C PHE A 5 6.61 5.21 6.09
N GLU A 6 5.52 5.46 6.83
CA GLU A 6 5.59 6.11 8.12
C GLU A 6 5.80 5.09 9.24
N ASN A 7 6.26 5.58 10.39
CA ASN A 7 6.43 4.75 11.61
C ASN A 7 7.38 3.55 11.48
N THR A 8 8.41 3.68 10.64
CA THR A 8 9.47 2.68 10.59
C THR A 8 10.48 2.88 11.73
N GLY A 9 10.50 4.10 12.28
CA GLY A 9 11.46 4.48 13.31
C GLY A 9 12.79 5.03 12.79
N LEU A 10 12.94 5.05 11.46
CA LEU A 10 14.23 5.38 10.84
C LEU A 10 14.64 6.84 11.01
N GLU A 11 13.64 7.72 11.06
CA GLU A 11 13.89 9.17 11.12
C GLU A 11 14.31 9.64 12.52
N ASN A 12 14.35 8.71 13.48
CA ASN A 12 14.56 9.04 14.89
C ASN A 12 15.98 8.86 15.42
N GLN A 13 16.86 8.31 14.59
CA GLN A 13 18.27 8.14 14.97
C GLN A 13 19.23 8.35 13.79
N THR A 14 20.44 8.74 14.13
CA THR A 14 21.49 9.05 13.16
C THR A 14 22.52 7.92 13.12
N VAL A 15 23.28 7.85 12.03
CA VAL A 15 24.22 6.74 11.81
C VAL A 15 25.40 7.19 10.95
N GLU A 16 26.58 6.64 11.23
CA GLU A 16 27.76 6.86 10.39
C GLU A 16 27.57 6.24 9.01
N LEU A 17 27.99 6.96 7.97
CA LEU A 17 27.76 6.60 6.57
C LEU A 17 28.34 5.23 6.17
N SER A 18 29.57 4.94 6.59
CA SER A 18 30.22 3.67 6.30
C SER A 18 29.41 2.49 6.85
N ARG A 19 28.85 2.67 8.04
CA ARG A 19 28.01 1.67 8.67
C ARG A 19 26.66 1.54 7.97
N LEU A 20 26.13 2.67 7.49
CA LEU A 20 24.88 2.68 6.71
C LEU A 20 25.07 1.95 5.37
N ASP A 21 26.14 2.30 4.66
CA ASP A 21 26.53 1.68 3.39
C ASP A 21 26.62 0.16 3.45
N ASP A 22 27.28 -0.35 4.49
CA ASP A 22 27.41 -1.79 4.68
CA ASP A 22 27.41 -1.80 4.70
C ASP A 22 26.03 -2.45 4.85
N ILE A 23 25.19 -1.85 5.67
CA ILE A 23 23.83 -2.36 5.93
C ILE A 23 22.98 -2.38 4.65
N MET A 24 23.00 -1.28 3.90
CA MET A 24 22.21 -1.15 2.66
C MET A 24 22.57 -2.16 1.59
N GLU A 25 23.87 -2.34 1.35
CA GLU A 25 24.35 -3.30 0.35
C GLU A 25 23.92 -4.73 0.70
N ARG A 26 23.95 -5.05 1.97
CA ARG A 26 23.55 -6.33 2.51
CA ARG A 26 23.56 -6.32 2.55
C ARG A 26 22.08 -6.59 2.30
N LEU A 27 21.30 -5.54 2.39
CA LEU A 27 19.85 -5.67 2.27
C LEU A 27 19.32 -5.43 0.87
N GLY A 28 20.22 -5.46 -0.11
CA GLY A 28 19.83 -5.42 -1.52
C GLY A 28 19.70 -4.04 -2.15
N PHE A 29 20.18 -3.01 -1.45
CA PHE A 29 20.11 -1.64 -1.96
C PHE A 29 21.37 -1.31 -2.75
N VAL A 30 21.22 -0.50 -3.80
CA VAL A 30 22.38 0.11 -4.48
C VAL A 30 22.29 1.63 -4.33
N ARG A 31 23.39 2.33 -4.39
CA ARG A 31 23.38 3.77 -4.32
CA ARG A 31 23.39 3.78 -4.29
C ARG A 31 22.68 4.36 -5.51
N ALA A 32 21.96 5.42 -5.28
CA ALA A 32 21.23 6.09 -6.35
C ALA A 32 21.40 7.59 -6.21
N ALA A 33 20.91 8.33 -7.22
CA ALA A 33 20.91 9.80 -7.24
C ALA A 33 22.22 10.40 -6.75
N GLN A 34 23.32 9.90 -7.29
CA GLN A 34 24.65 10.19 -6.74
C GLN A 34 25.19 11.56 -7.12
N TRP A 35 24.42 12.31 -7.90
CA TRP A 35 24.74 13.69 -8.24
C TRP A 35 24.53 14.64 -7.05
N ASP A 36 23.62 14.25 -6.15
CA ASP A 36 23.25 15.05 -4.99
C ASP A 36 24.37 15.00 -3.95
N TYR A 37 24.89 16.18 -3.59
CA TYR A 37 25.97 16.28 -2.59
C TYR A 37 25.48 16.51 -1.16
N GLU A 38 24.19 16.78 -1.00
CA GLU A 38 23.60 16.97 0.32
C GLU A 38 23.04 15.67 0.91
N ARG A 39 22.59 14.78 0.02
CA ARG A 39 21.88 13.56 0.41
C ARG A 39 22.56 12.29 -0.08
N VAL A 40 22.43 11.22 0.71
CA VAL A 40 22.75 9.87 0.22
C VAL A 40 21.45 9.12 0.00
N THR A 41 21.38 8.37 -1.10
CA THR A 41 20.17 7.71 -1.55
C THR A 41 20.46 6.26 -1.90
N TYR A 42 19.58 5.36 -1.48
CA TYR A 42 19.71 3.93 -1.77
C TYR A 42 18.42 3.39 -2.32
N ASP A 43 18.50 2.67 -3.43
CA ASP A 43 17.31 2.10 -4.07
C ASP A 43 17.37 0.59 -4.07
N ARG A 44 16.25 -0.05 -3.76
CA ARG A 44 16.10 -1.48 -4.00
C ARG A 44 14.99 -1.66 -5.02
N LYS A 45 15.34 -2.26 -6.15
CA LYS A 45 14.44 -2.34 -7.30
C LYS A 45 13.65 -3.63 -7.29
N TYR A 46 12.36 -3.50 -7.61
CA TYR A 46 11.48 -4.62 -7.80
C TYR A 46 10.94 -4.47 -9.21
N VAL A 47 11.56 -5.20 -10.14
CA VAL A 47 11.10 -5.15 -11.53
C VAL A 47 9.91 -6.09 -11.75
N VAL A 48 8.93 -5.60 -12.51
CA VAL A 48 7.70 -6.35 -12.77
C VAL A 48 7.37 -6.15 -14.24
N LYS A 49 6.26 -6.75 -14.68
CA LYS A 49 5.79 -6.65 -16.07
C LYS A 49 5.66 -5.20 -16.55
N GLU A 50 5.07 -4.35 -15.71
CA GLU A 50 4.72 -2.99 -16.10
C GLU A 50 5.88 -2.02 -15.95
N GLY A 51 6.93 -2.44 -15.23
CA GLY A 51 8.12 -1.62 -15.09
C GLY A 51 8.94 -1.90 -13.85
N THR A 52 9.27 -0.83 -13.12
CA THR A 52 10.14 -0.93 -11.95
C THR A 52 9.53 -0.17 -10.79
N TYR A 53 9.37 -0.87 -9.68
CA TYR A 53 9.13 -0.23 -8.40
C TYR A 53 10.46 -0.16 -7.69
N TYR A 54 10.68 0.93 -6.96
CA TYR A 54 11.91 1.07 -6.21
C TYR A 54 11.68 1.58 -4.79
N LEU A 55 12.24 0.86 -3.83
CA LEU A 55 12.18 1.26 -2.43
C LEU A 55 13.35 2.19 -2.18
N ARG A 56 13.05 3.44 -1.84
CA ARG A 56 14.09 4.46 -1.71
C ARG A 56 14.30 4.88 -0.27
N VAL A 57 15.53 4.70 0.22
CA VAL A 57 15.94 5.19 1.54
C VAL A 57 16.95 6.31 1.34
N GLN A 58 16.73 7.43 2.03
CA GLN A 58 17.51 8.62 1.82
C GLN A 58 17.86 9.24 3.16
N GLY A 59 19.02 9.87 3.21
CA GLY A 59 19.46 10.60 4.39
C GLY A 59 20.33 11.78 4.00
N TYR A 60 20.39 12.80 4.85
CA TYR A 60 21.31 13.91 4.64
C TYR A 60 22.51 13.82 5.56
N ALA A 61 23.61 14.44 5.14
CA ALA A 61 24.80 14.51 5.99
C ALA A 61 24.67 15.67 6.98
N ILE A 62 24.32 15.33 8.23
CA ILE A 62 24.18 16.29 9.31
C ILE A 62 25.55 16.70 9.88
N GLU A 63 26.50 15.78 9.75
CA GLU A 63 27.91 16.01 10.10
C GLU A 63 28.77 15.39 8.99
N GLY A 64 29.94 15.98 8.70
CA GLY A 64 30.78 15.55 7.59
C GLY A 64 30.14 15.87 6.25
N ASN A 65 30.56 15.16 5.21
CA ASN A 65 29.91 15.28 3.90
C ASN A 65 29.79 13.95 3.17
N VAL A 66 28.94 13.94 2.14
CA VAL A 66 28.57 12.74 1.37
C VAL A 66 29.76 11.94 0.80
N ASP A 67 30.81 12.67 0.42
CA ASP A 67 32.00 12.07 -0.19
C ASP A 67 33.03 11.56 0.83
N SER A 68 32.73 11.66 2.12
CA SER A 68 33.62 11.20 3.18
C SER A 68 33.20 9.86 3.77
N ARG A 69 34.20 9.07 4.18
CA ARG A 69 33.98 7.81 4.88
C ARG A 69 33.25 8.05 6.20
N TYR A 70 33.74 9.02 6.98
CA TYR A 70 32.99 9.51 8.12
C TYR A 70 32.07 10.67 7.73
N ALA A 71 30.78 10.38 7.74
CA ALA A 71 29.74 11.39 7.69
C ALA A 71 28.65 10.88 8.61
N LEU A 72 27.95 11.79 9.29
CA LEU A 72 26.82 11.38 10.11
C LEU A 72 25.54 11.61 9.30
N ILE A 73 24.76 10.55 9.14
CA ILE A 73 23.57 10.57 8.29
C ILE A 73 22.29 10.55 9.11
N LYS A 74 21.41 11.53 8.87
CA LYS A 74 20.07 11.51 9.44
C LYS A 74 19.09 11.06 8.34
N LEU A 75 18.43 9.92 8.56
CA LEU A 75 17.54 9.32 7.57
C LEU A 75 16.18 10.01 7.50
N LEU A 76 15.65 10.10 6.29
CA LEU A 76 14.35 10.70 6.01
C LEU A 76 13.31 9.60 5.85
N THR A 77 12.06 9.98 5.65
CA THR A 77 10.98 9.01 5.48
C THR A 77 11.16 8.24 4.18
N PRO A 78 11.22 6.89 4.27
CA PRO A 78 11.39 6.06 3.07
C PRO A 78 10.18 6.14 2.15
N ILE A 79 10.44 6.04 0.85
CA ILE A 79 9.38 6.09 -0.15
C ILE A 79 9.43 4.90 -1.10
N MET A 80 8.32 4.65 -1.80
CA MET A 80 8.31 3.71 -2.93
C MET A 80 7.95 4.47 -4.20
N GLY A 81 8.90 4.55 -5.11
CA GLY A 81 8.67 5.13 -6.43
C GLY A 81 8.24 4.11 -7.46
N LYS A 82 7.68 4.60 -8.56
CA LYS A 82 7.14 3.75 -9.60
C LYS A 82 7.54 4.29 -10.97
N HIS A 83 8.13 3.43 -11.80
CA HIS A 83 8.47 3.77 -13.17
C HIS A 83 7.91 2.77 -14.19
N TYR A 84 7.04 3.26 -15.08
CA TYR A 84 6.41 2.43 -16.11
C TYR A 84 7.32 2.19 -17.32
N TYR A 85 7.54 0.92 -17.64
CA TYR A 85 8.24 0.48 -18.87
C TYR A 85 7.82 -0.95 -19.25
N PRO A 86 7.40 -1.18 -20.51
CA PRO A 86 7.28 -0.24 -21.63
C PRO A 86 5.94 0.52 -21.65
N HIS A 87 5.99 1.76 -21.15
CA HIS A 87 4.87 2.72 -21.15
C HIS A 87 3.57 2.19 -20.53
N ASP A 94 -3.57 9.28 -10.22
CA ASP A 94 -3.65 8.48 -9.01
C ASP A 94 -3.06 7.08 -9.25
N GLU A 95 -1.89 6.84 -8.68
CA GLU A 95 -1.17 5.59 -8.84
C GLU A 95 -1.76 4.48 -7.97
N HIS A 96 -1.85 3.29 -8.52
CA HIS A 96 -2.22 2.14 -7.74
C HIS A 96 -0.98 1.38 -7.39
N PHE A 97 -0.76 1.21 -6.12
CA PHE A 97 0.37 0.42 -5.63
C PHE A 97 -0.10 -0.95 -5.18
N PRO A 98 0.56 -2.02 -5.65
CA PRO A 98 0.23 -3.39 -5.29
C PRO A 98 0.51 -3.69 -3.82
N SER A 99 -0.48 -4.26 -3.14
CA SER A 99 -0.38 -4.51 -1.69
C SER A 99 0.77 -5.46 -1.31
N SER A 100 1.03 -6.45 -2.16
CA SER A 100 2.11 -7.41 -1.92
C SER A 100 3.49 -6.74 -1.92
N LEU A 101 3.68 -5.79 -2.84
CA LEU A 101 4.95 -5.08 -2.93
C LEU A 101 5.14 -4.11 -1.77
N VAL A 102 4.04 -3.50 -1.34
CA VAL A 102 3.99 -2.67 -0.12
C VAL A 102 4.41 -3.43 1.12
N SER A 103 3.91 -4.66 1.24
CA SER A 103 4.25 -5.53 2.37
C SER A 103 5.72 -5.93 2.35
N GLN A 104 6.25 -6.26 1.18
CA GLN A 104 7.67 -6.59 1.01
C GLN A 104 8.59 -5.42 1.40
N CYS A 105 8.22 -4.21 0.99
CA CYS A 105 8.98 -3.01 1.33
C CYS A 105 8.92 -2.73 2.82
N GLN A 106 7.77 -2.93 3.42
CA GLN A 106 7.62 -2.83 4.87
C GLN A 106 8.56 -3.78 5.61
N ASN A 107 8.71 -5.00 5.08
CA ASN A 107 9.58 -6.03 5.65
C ASN A 107 11.05 -5.65 5.57
N VAL A 108 11.45 -5.10 4.43
CA VAL A 108 12.83 -4.71 4.19
C VAL A 108 13.20 -3.55 5.12
N LEU A 109 12.28 -2.60 5.28
CA LEU A 109 12.51 -1.46 6.17
C LEU A 109 12.63 -1.87 7.66
N ALA A 110 11.85 -2.87 8.05
CA ALA A 110 11.96 -3.46 9.41
C ALA A 110 13.35 -4.04 9.66
N GLN A 111 13.95 -4.68 8.66
CA GLN A 111 15.29 -5.18 8.84
C GLN A 111 16.36 -4.10 8.71
N VAL A 112 16.07 -3.03 7.96
CA VAL A 112 16.93 -1.84 7.99
C VAL A 112 16.98 -1.33 9.43
N LYS A 113 15.81 -1.13 10.04
CA LYS A 113 15.70 -0.64 11.41
C LYS A 113 16.39 -1.54 12.44
N SER A 114 16.18 -2.86 12.31
CA SER A 114 16.79 -3.87 13.19
CA SER A 114 16.78 -3.83 13.22
C SER A 114 18.31 -3.85 13.14
N GLU A 115 18.85 -3.73 11.92
CA GLU A 115 20.30 -3.65 11.72
C GLU A 115 20.90 -2.37 12.31
N LEU A 116 20.16 -1.26 12.23
CA LEU A 116 20.64 0.01 12.79
C LEU A 116 20.59 0.01 14.32
N GLU A 117 19.59 -0.68 14.89
CA GLU A 117 19.45 -0.84 16.34
C GLU A 117 20.57 -1.67 16.96
N LYS A 118 21.15 -2.57 16.18
CA LYS A 118 22.22 -3.47 16.64
C LYS A 118 23.56 -2.77 16.83
N ILE A 119 23.73 -1.61 16.22
CA ILE A 119 24.99 -0.87 16.28
C ILE A 119 24.82 0.52 16.90
N LYS A 120 23.63 0.78 17.44
CA LYS A 120 23.24 2.11 17.92
C LYS A 120 24.10 2.59 19.09
N GLU A 121 24.48 1.66 19.96
CA GLU A 121 25.24 1.99 21.17
C GLU A 121 26.76 1.99 20.95
N GLU A 122 27.18 1.65 19.73
CA GLU A 122 28.60 1.61 19.38
C GLU A 122 28.92 2.68 18.34
N SER B 2 -3.60 5.17 -4.32
CA SER B 2 -4.39 4.13 -3.62
C SER B 2 -3.64 2.79 -3.64
N LEU B 3 -4.10 1.84 -2.83
CA LEU B 3 -3.51 0.51 -2.76
C LEU B 3 -4.42 -0.46 -3.50
N LYS B 4 -3.86 -1.40 -4.26
CA LYS B 4 -4.68 -2.46 -4.82
C LYS B 4 -4.36 -3.83 -4.22
N PHE B 5 -5.42 -4.59 -3.94
CA PHE B 5 -5.31 -5.93 -3.40
C PHE B 5 -5.49 -6.90 -4.57
N GLU B 6 -4.38 -7.46 -5.06
CA GLU B 6 -4.32 -8.17 -6.34
CA GLU B 6 -4.40 -8.16 -6.34
C GLU B 6 -4.81 -9.63 -6.31
N ASN B 7 -4.66 -10.28 -5.17
CA ASN B 7 -4.90 -11.72 -5.08
C ASN B 7 -6.06 -12.14 -4.17
N THR B 8 -7.22 -11.53 -4.39
CA THR B 8 -8.39 -11.80 -3.55
C THR B 8 -9.29 -12.86 -4.15
N GLY B 9 -9.21 -13.02 -5.48
CA GLY B 9 -10.09 -13.93 -6.19
C GLY B 9 -11.51 -13.40 -6.37
N LEU B 10 -11.73 -12.14 -6.00
CA LEU B 10 -13.06 -11.54 -6.09
C LEU B 10 -13.49 -11.20 -7.53
N GLU B 11 -12.53 -10.98 -8.43
CA GLU B 11 -12.83 -10.51 -9.79
C GLU B 11 -13.40 -11.57 -10.73
N ASN B 12 -13.35 -12.83 -10.37
CA ASN B 12 -14.06 -13.85 -11.15
C ASN B 12 -15.41 -14.21 -10.61
N GLN B 13 -15.93 -13.39 -9.72
CA GLN B 13 -17.21 -13.60 -9.11
CA GLN B 13 -17.23 -13.57 -9.12
C GLN B 13 -18.29 -12.68 -9.70
N THR B 14 -19.41 -13.26 -10.06
CA THR B 14 -20.62 -12.52 -10.32
C THR B 14 -21.62 -12.91 -9.26
N VAL B 15 -22.40 -11.93 -8.81
CA VAL B 15 -23.27 -12.15 -7.67
C VAL B 15 -24.49 -11.25 -7.82
N GLU B 16 -25.62 -11.77 -7.43
CA GLU B 16 -26.81 -11.01 -7.27
CA GLU B 16 -26.77 -10.98 -7.27
C GLU B 16 -26.74 -9.82 -6.34
N LEU B 17 -27.13 -8.66 -6.78
CA LEU B 17 -26.98 -7.43 -6.00
C LEU B 17 -27.61 -7.48 -4.60
N SER B 18 -28.82 -8.04 -4.53
CA SER B 18 -29.55 -8.20 -3.27
C SER B 18 -28.73 -8.98 -2.25
N ARG B 19 -28.06 -10.02 -2.74
CA ARG B 19 -27.21 -10.86 -1.91
C ARG B 19 -25.89 -10.16 -1.59
N LEU B 20 -25.31 -9.48 -2.58
CA LEU B 20 -24.12 -8.66 -2.35
C LEU B 20 -24.35 -7.58 -1.29
N ASP B 21 -25.46 -6.84 -1.42
CA ASP B 21 -25.84 -5.82 -0.41
C ASP B 21 -25.86 -6.37 1.02
N ASP B 22 -26.43 -7.56 1.19
CA ASP B 22 -26.52 -8.22 2.49
CA ASP B 22 -26.52 -8.21 2.50
C ASP B 22 -25.15 -8.57 3.06
N ILE B 23 -24.30 -9.19 2.24
CA ILE B 23 -22.94 -9.58 2.64
C ILE B 23 -22.13 -8.36 3.08
N MET B 24 -22.13 -7.32 2.25
CA MET B 24 -21.31 -6.13 2.52
C MET B 24 -21.75 -5.38 3.77
N GLU B 25 -23.06 -5.25 3.98
CA GLU B 25 -23.57 -4.58 5.18
C GLU B 25 -23.19 -5.32 6.46
N ARG B 26 -23.24 -6.64 6.42
CA ARG B 26 -22.82 -7.47 7.55
C ARG B 26 -21.33 -7.37 7.84
N LEU B 27 -20.54 -7.02 6.83
CA LEU B 27 -19.09 -6.89 7.02
C LEU B 27 -18.61 -5.47 7.22
N GLY B 28 -19.53 -4.58 7.56
CA GLY B 28 -19.18 -3.21 7.94
C GLY B 28 -19.11 -2.18 6.81
N PHE B 29 -19.54 -2.57 5.61
CA PHE B 29 -19.51 -1.68 4.46
C PHE B 29 -20.75 -0.82 4.36
N VAL B 30 -20.61 0.38 3.80
CA VAL B 30 -21.77 1.19 3.46
C VAL B 30 -21.68 1.52 1.98
N ARG B 31 -22.81 1.76 1.33
CA ARG B 31 -22.85 2.10 -0.08
CA ARG B 31 -22.82 2.13 -0.07
C ARG B 31 -22.20 3.47 -0.25
N ALA B 32 -21.46 3.67 -1.31
CA ALA B 32 -20.74 4.90 -1.62
C ALA B 32 -20.90 5.18 -3.11
N ALA B 33 -20.50 6.38 -3.54
CA ALA B 33 -20.56 6.81 -4.94
C ALA B 33 -21.88 6.47 -5.63
N GLN B 34 -22.98 6.79 -4.94
CA GLN B 34 -24.31 6.35 -5.35
C GLN B 34 -24.92 7.17 -6.47
N TRP B 35 -24.14 8.12 -6.97
CA TRP B 35 -24.52 8.91 -8.15
C TRP B 35 -24.27 8.12 -9.43
N ASP B 36 -23.41 7.10 -9.32
CA ASP B 36 -23.02 6.27 -10.45
C ASP B 36 -24.09 5.21 -10.72
N TYR B 37 -24.63 5.20 -11.95
CA TYR B 37 -25.65 4.22 -12.35
C TYR B 37 -25.11 2.96 -13.04
N GLU B 38 -23.79 2.87 -13.21
CA GLU B 38 -23.20 1.71 -13.86
C GLU B 38 -22.52 0.80 -12.86
N ARG B 39 -22.11 1.38 -11.73
CA ARG B 39 -21.32 0.70 -10.71
C ARG B 39 -21.98 0.74 -9.35
N VAL B 40 -21.80 -0.34 -8.58
CA VAL B 40 -22.10 -0.33 -7.16
C VAL B 40 -20.79 -0.28 -6.39
N THR B 41 -20.75 0.53 -5.34
CA THR B 41 -19.54 0.76 -4.59
C THR B 41 -19.84 0.61 -3.11
N TYR B 42 -18.97 -0.11 -2.41
CA TYR B 42 -19.09 -0.30 -0.97
C TYR B 42 -17.79 0.14 -0.32
N ASP B 43 -17.89 1.01 0.67
CA ASP B 43 -16.69 1.42 1.43
C ASP B 43 -16.79 0.97 2.89
N ARG B 44 -15.70 0.40 3.41
CA ARG B 44 -15.55 0.23 4.85
C ARG B 44 -14.48 1.18 5.39
N LYS B 45 -14.92 2.11 6.23
CA LYS B 45 -14.08 3.18 6.74
C LYS B 45 -13.31 2.83 7.99
N TYR B 46 -12.05 3.24 8.02
CA TYR B 46 -11.20 3.13 9.20
C TYR B 46 -10.67 4.53 9.52
N VAL B 47 -11.04 5.05 10.68
CA VAL B 47 -10.58 6.37 11.11
C VAL B 47 -9.29 6.22 11.91
N VAL B 48 -8.39 7.19 11.74
CA VAL B 48 -7.06 7.20 12.32
C VAL B 48 -6.69 8.64 12.63
N LYS B 49 -5.53 8.86 13.25
CA LYS B 49 -5.01 10.20 13.55
C LYS B 49 -5.04 11.15 12.34
N GLU B 50 -4.56 10.66 11.21
CA GLU B 50 -4.33 11.48 10.03
C GLU B 50 -5.57 11.65 9.14
N GLY B 51 -6.66 10.97 9.49
CA GLY B 51 -7.91 11.10 8.73
C GLY B 51 -8.67 9.80 8.61
N THR B 52 -8.96 9.40 7.37
CA THR B 52 -9.73 8.19 7.10
C THR B 52 -9.07 7.33 6.02
N TYR B 53 -9.06 6.03 6.25
CA TYR B 53 -8.79 5.05 5.21
C TYR B 53 -10.09 4.33 4.92
N TYR B 54 -10.26 3.94 3.66
CA TYR B 54 -11.46 3.20 3.26
C TYR B 54 -11.11 2.02 2.37
N LEU B 55 -11.65 0.86 2.74
CA LEU B 55 -11.58 -0.33 1.91
C LEU B 55 -12.75 -0.30 0.93
N ARG B 56 -12.45 -0.30 -0.37
CA ARG B 56 -13.47 -0.13 -1.38
C ARG B 56 -13.64 -1.37 -2.24
N VAL B 57 -14.86 -1.90 -2.25
CA VAL B 57 -15.22 -2.98 -3.15
C VAL B 57 -16.22 -2.43 -4.16
N GLN B 58 -15.92 -2.64 -5.43
CA GLN B 58 -16.71 -2.07 -6.50
C GLN B 58 -17.06 -3.16 -7.52
N GLY B 59 -18.16 -2.97 -8.23
CA GLY B 59 -18.58 -3.88 -9.29
C GLY B 59 -19.50 -3.22 -10.30
N TYR B 60 -19.54 -3.76 -11.51
CA TYR B 60 -20.49 -3.25 -12.47
CA TYR B 60 -20.43 -3.31 -12.58
C TYR B 60 -21.70 -4.15 -12.64
N ALA B 61 -22.82 -3.53 -12.93
CA ALA B 61 -24.08 -4.24 -13.13
C ALA B 61 -24.17 -4.67 -14.58
N ILE B 62 -23.78 -5.92 -14.84
CA ILE B 62 -23.86 -6.46 -16.19
C ILE B 62 -25.31 -6.61 -16.65
N GLU B 63 -26.13 -7.24 -15.82
CA GLU B 63 -27.56 -7.34 -16.03
C GLU B 63 -28.25 -6.44 -15.02
N GLY B 64 -29.39 -5.91 -15.44
CA GLY B 64 -30.24 -5.14 -14.60
C GLY B 64 -29.64 -3.80 -14.34
N ASN B 65 -30.02 -3.21 -13.24
CA ASN B 65 -29.45 -1.97 -12.89
C ASN B 65 -29.53 -1.62 -11.45
N VAL B 66 -28.80 -0.59 -11.11
CA VAL B 66 -27.96 -0.57 -9.97
C VAL B 66 -28.89 -0.25 -8.85
N ASP B 67 -30.14 -0.08 -9.23
CA ASP B 67 -31.13 0.44 -8.34
C ASP B 67 -32.23 -0.60 -8.26
N SER B 68 -32.31 -1.45 -9.26
CA SER B 68 -33.24 -2.52 -9.20
C SER B 68 -32.69 -3.63 -8.38
N ARG B 69 -33.36 -3.97 -7.30
CA ARG B 69 -32.86 -5.06 -6.44
CA ARG B 69 -32.77 -5.00 -6.45
C ARG B 69 -32.29 -6.22 -7.24
N TYR B 70 -32.82 -6.40 -8.46
CA TYR B 70 -32.41 -7.48 -9.34
C TYR B 70 -31.37 -7.00 -10.36
N ALA B 71 -30.11 -7.26 -10.03
CA ALA B 71 -28.99 -6.94 -10.90
C ALA B 71 -27.88 -7.94 -10.62
N LEU B 72 -27.22 -8.37 -11.69
CA LEU B 72 -26.06 -9.23 -11.56
C LEU B 72 -24.82 -8.35 -11.53
N ILE B 73 -23.94 -8.60 -10.57
CA ILE B 73 -22.78 -7.74 -10.37
C ILE B 73 -21.49 -8.50 -10.65
N LYS B 74 -20.60 -7.89 -11.44
CA LYS B 74 -19.26 -8.42 -11.63
C LYS B 74 -18.27 -7.53 -10.89
N LEU B 75 -17.53 -8.13 -9.95
CA LEU B 75 -16.62 -7.38 -9.07
C LEU B 75 -15.27 -7.02 -9.69
N LEU B 76 -14.78 -5.85 -9.30
CA LEU B 76 -13.48 -5.35 -9.72
C LEU B 76 -12.44 -5.66 -8.65
N THR B 77 -11.20 -5.31 -8.94
CA THR B 77 -10.11 -5.43 -7.97
C THR B 77 -10.36 -4.45 -6.82
N PRO B 78 -10.40 -4.98 -5.57
CA PRO B 78 -10.55 -4.16 -4.38
C PRO B 78 -9.38 -3.19 -4.19
N ILE B 79 -9.69 -1.99 -3.70
CA ILE B 79 -8.67 -0.99 -3.42
C ILE B 79 -8.78 -0.45 -2.00
N MET B 80 -7.70 0.17 -1.51
CA MET B 80 -7.77 0.99 -0.31
C MET B 80 -7.44 2.43 -0.65
N GLY B 81 -8.36 3.33 -0.31
CA GLY B 81 -8.14 4.75 -0.49
C GLY B 81 -7.83 5.43 0.83
N LYS B 82 -7.31 6.64 0.76
CA LYS B 82 -7.06 7.45 1.94
C LYS B 82 -7.67 8.84 1.75
N HIS B 83 -7.96 9.49 2.87
CA HIS B 83 -8.31 10.91 2.86
C HIS B 83 -7.76 11.55 4.14
N TYR B 84 -6.77 12.41 3.97
CA TYR B 84 -6.14 13.01 5.14
C TYR B 84 -6.79 14.29 5.61
N TYR B 85 -7.04 14.35 6.91
CA TYR B 85 -7.70 15.45 7.58
C TYR B 85 -7.50 15.30 9.07
N PRO B 86 -7.21 16.36 9.77
CA PRO B 86 -6.81 17.64 9.22
C PRO B 86 -5.39 17.64 8.68
N HIS B 87 -4.92 18.77 8.16
CA HIS B 87 -4.00 18.78 7.05
C HIS B 87 -2.56 18.98 7.52
N TYR B 91 -0.73 17.75 3.39
CA TYR B 91 -0.02 16.46 3.40
C TYR B 91 0.69 16.21 2.07
N GLY B 92 0.32 16.99 1.05
CA GLY B 92 0.91 16.89 -0.29
C GLY B 92 0.29 15.79 -1.14
N ASP B 93 1.05 15.29 -2.10
CA ASP B 93 0.65 14.12 -2.89
C ASP B 93 1.15 12.82 -2.25
N ASP B 94 1.35 12.86 -0.93
CA ASP B 94 1.91 11.75 -0.20
C ASP B 94 0.84 10.83 0.37
N GLU B 95 1.17 9.55 0.42
CA GLU B 95 0.22 8.49 0.72
C GLU B 95 0.97 7.45 1.52
N HIS B 96 0.36 6.95 2.58
CA HIS B 96 0.93 5.85 3.34
C HIS B 96 -0.18 4.95 3.85
N PHE B 97 0.14 3.68 4.07
CA PHE B 97 -0.86 2.73 4.52
C PHE B 97 -0.30 1.88 5.67
N PRO B 98 -0.84 2.08 6.90
CA PRO B 98 -0.45 1.28 8.06
C PRO B 98 -0.56 -0.21 7.77
N SER B 99 0.49 -0.96 8.11
CA SER B 99 0.54 -2.41 7.91
C SER B 99 -0.62 -3.16 8.57
N SER B 100 -1.03 -2.72 9.76
CA SER B 100 -2.12 -3.35 10.50
C SER B 100 -3.43 -3.24 9.74
N LEU B 101 -3.69 -2.05 9.19
CA LEU B 101 -4.88 -1.80 8.38
C LEU B 101 -4.89 -2.59 7.07
N VAL B 102 -3.73 -2.70 6.43
CA VAL B 102 -3.60 -3.54 5.23
C VAL B 102 -3.97 -4.99 5.54
N SER B 103 -3.50 -5.52 6.67
CA SER B 103 -3.79 -6.90 7.07
CA SER B 103 -3.79 -6.89 7.08
C SER B 103 -5.26 -7.08 7.45
N GLN B 104 -5.80 -6.11 8.19
CA GLN B 104 -7.22 -6.09 8.55
C GLN B 104 -8.09 -6.06 7.29
N CYS B 105 -7.69 -5.28 6.29
CA CYS B 105 -8.43 -5.21 5.02
C CYS B 105 -8.39 -6.53 4.28
N GLN B 106 -7.22 -7.16 4.25
CA GLN B 106 -7.04 -8.48 3.65
C GLN B 106 -7.90 -9.55 4.31
N ASN B 107 -8.10 -9.44 5.61
CA ASN B 107 -8.96 -10.36 6.35
C ASN B 107 -10.44 -10.17 6.01
N VAL B 108 -10.86 -8.91 5.93
CA VAL B 108 -12.21 -8.58 5.50
C VAL B 108 -12.49 -9.10 4.07
N LEU B 109 -11.56 -8.90 3.15
CA LEU B 109 -11.75 -9.35 1.77
C LEU B 109 -11.88 -10.87 1.64
N ALA B 110 -11.14 -11.60 2.48
CA ALA B 110 -11.23 -13.07 2.56
C ALA B 110 -12.61 -13.52 3.09
N GLN B 111 -13.18 -12.74 3.97
CA GLN B 111 -14.52 -12.96 4.43
C GLN B 111 -15.54 -12.72 3.35
N VAL B 112 -15.32 -11.67 2.58
CA VAL B 112 -16.22 -11.40 1.45
C VAL B 112 -16.20 -12.60 0.51
N LYS B 113 -15.03 -13.04 0.14
CA LYS B 113 -14.85 -14.18 -0.71
C LYS B 113 -15.49 -15.46 -0.20
N SER B 114 -15.33 -15.74 1.07
CA SER B 114 -15.90 -16.93 1.69
CA SER B 114 -15.90 -16.93 1.70
C SER B 114 -17.43 -16.92 1.61
N GLU B 115 -18.02 -15.74 1.85
CA GLU B 115 -19.47 -15.57 1.74
C GLU B 115 -19.97 -15.80 0.33
N LEU B 116 -19.20 -15.33 -0.65
CA LEU B 116 -19.54 -15.52 -2.06
C LEU B 116 -19.43 -16.99 -2.48
N GLU B 117 -18.44 -17.68 -1.94
CA GLU B 117 -18.25 -19.12 -2.20
C GLU B 117 -19.37 -19.97 -1.62
N LYS B 118 -19.91 -19.54 -0.48
CA LYS B 118 -21.06 -20.19 0.15
C LYS B 118 -22.32 -20.11 -0.71
N ILE B 119 -22.50 -18.98 -1.38
CA ILE B 119 -23.63 -18.81 -2.30
C ILE B 119 -23.46 -19.67 -3.55
N LYS B 120 -22.21 -19.80 -4.00
CA LYS B 120 -21.90 -20.68 -5.11
C LYS B 120 -22.29 -22.12 -4.81
N GLU B 121 -21.98 -22.57 -3.59
CA GLU B 121 -22.22 -23.96 -3.20
C GLU B 121 -23.72 -24.29 -3.24
N GLU B 122 -24.53 -23.45 -2.59
CA GLU B 122 -25.96 -23.46 -2.79
C GLU B 122 -26.45 -24.85 -3.21
#